data_5RPH
#
_entry.id   5RPH
#
_cell.length_a   68.280
_cell.length_b   68.280
_cell.length_c   102.570
_cell.angle_alpha   90.000
_cell.angle_beta   90.000
_cell.angle_gamma   90.000
#
_symmetry.space_group_name_H-M   'P 43 21 2'
#
loop_
_entity.id
_entity.type
_entity.pdbx_description
1 polymer 'Proteinase K'
2 non-polymer 'SULFATE ION'
3 non-polymer 3-[3,4-bis(fluoranyl)phenyl]-1,4,6,7-tetrahydroimidazo[2,1-c][1,2,4]triazine
4 water water
#
_entity_poly.entity_id   1
_entity_poly.type   'polypeptide(L)'
_entity_poly.pdbx_seq_one_letter_code
;AAQTNAPWGLARISSTSPGTSTYYYDESAGQGSCVYVIDTGIEASHPEFEGRAQMVKTYYYSSRDGNGHGTHCAGTVGSR
TYGVAKKTQLFGVKVLDDNGSGQYSTIIAGMDFVASDKNNRNCPKGVVASLSLGGGYSSSVNSAAARLQSSGVMVAVAAG
NNNADARNYSPASEPSVCTVGASDRYDRRSSFSNYGSVLDIFGPGTDILSTWIGGSTRSISGTSMATPHVAGLAAYLMTL
GKTTAASACRYIADTANKGDLSNIPFGTVNLLAYNNYQA
;
_entity_poly.pdbx_strand_id   A
#
loop_
_chem_comp.id
_chem_comp.type
_chem_comp.name
_chem_comp.formula
L2K non-polymer 3-[3,4-bis(fluoranyl)phenyl]-1,4,6,7-tetrahydroimidazo[2,1-c][1,2,4]triazine 'C11 H10 F2 N4'
SO4 non-polymer 'SULFATE ION' 'O4 S -2'
#
# COMPACT_ATOMS: atom_id res chain seq x y z
N ALA A 1 -2.75 -17.61 12.48
CA ALA A 1 -1.29 -17.84 12.20
C ALA A 1 -0.49 -16.78 12.94
N ALA A 2 0.71 -17.16 13.37
CA ALA A 2 1.65 -16.28 14.04
C ALA A 2 2.99 -16.35 13.33
N GLN A 3 3.51 -15.19 12.94
CA GLN A 3 4.84 -15.03 12.42
C GLN A 3 5.72 -14.38 13.48
N THR A 4 6.65 -15.15 14.06
CA THR A 4 7.53 -14.57 15.06
C THR A 4 8.63 -13.74 14.40
N ASN A 5 9.16 -12.80 15.18
CA ASN A 5 10.25 -11.93 14.73
C ASN A 5 9.89 -11.28 13.40
N ALA A 6 8.69 -10.74 13.33
CA ALA A 6 8.19 -10.07 12.16
C ALA A 6 8.70 -8.64 12.14
N PRO A 7 8.72 -8.01 10.97
CA PRO A 7 9.02 -6.58 10.95
C PRO A 7 8.00 -5.83 11.81
N TRP A 8 8.45 -4.74 12.42
CA TRP A 8 7.62 -4.08 13.42
C TRP A 8 6.26 -3.66 12.85
N GLY A 9 6.23 -3.26 11.59
CA GLY A 9 4.99 -2.78 11.02
C GLY A 9 3.94 -3.86 10.88
N LEU A 10 4.36 -5.08 10.52
CA LEU A 10 3.41 -6.19 10.50
C LEU A 10 2.88 -6.47 11.91
N ALA A 11 3.78 -6.52 12.90
CA ALA A 11 3.32 -6.72 14.26
C ALA A 11 2.37 -5.62 14.68
N ARG A 12 2.63 -4.37 14.26
CA ARG A 12 1.80 -3.25 14.67
C ARG A 12 0.39 -3.37 14.12
N ILE A 13 0.25 -3.81 12.87
CA ILE A 13 -1.08 -3.87 12.28
C ILE A 13 -1.94 -4.96 12.87
N SER A 14 -1.37 -5.92 13.62
CA SER A 14 -2.19 -6.91 14.30
C SER A 14 -2.20 -6.72 15.82
N SER A 15 -1.89 -5.53 16.30
CA SER A 15 -1.75 -5.31 17.73
C SER A 15 -2.52 -4.08 18.20
N THR A 16 -3.03 -4.18 19.44
CA THR A 16 -3.58 -3.03 20.15
C THR A 16 -2.50 -2.18 20.81
N SER A 17 -1.24 -2.59 20.77
CA SER A 17 -0.16 -1.86 21.42
C SER A 17 1.09 -1.87 20.54
N PRO A 18 1.88 -0.81 20.58
CA PRO A 18 3.22 -0.84 19.98
C PRO A 18 4.13 -1.72 20.83
N GLY A 19 5.28 -2.04 20.26
CA GLY A 19 6.33 -2.70 21.02
C GLY A 19 6.29 -4.20 21.03
N THR A 20 5.60 -4.83 20.09
CA THR A 20 5.61 -6.28 20.00
C THR A 20 6.20 -6.65 18.63
N SER A 21 6.52 -7.94 18.44
CA SER A 21 7.27 -8.37 17.27
C SER A 21 6.70 -9.61 16.60
N THR A 22 5.48 -10.02 16.91
CA THR A 22 4.84 -11.15 16.26
C THR A 22 3.63 -10.64 15.50
N TYR A 23 3.52 -11.06 14.25
CA TYR A 23 2.39 -10.71 13.39
C TYR A 23 1.36 -11.84 13.42
N TYR A 24 0.11 -11.51 13.74
CA TYR A 24 -0.97 -12.48 13.85
C TYR A 24 -2.01 -12.20 12.77
N TYR A 25 -2.41 -13.23 12.03
CA TYR A 25 -3.33 -13.02 10.92
C TYR A 25 -4.02 -14.32 10.56
N ASP A 26 -5.20 -14.19 9.96
CA ASP A 26 -5.92 -15.36 9.48
C ASP A 26 -5.20 -16.00 8.32
N GLU A 27 -5.09 -17.33 8.37
CA GLU A 27 -4.31 -18.08 7.40
C GLU A 27 -4.79 -17.95 5.97
N SER A 28 -6.03 -17.48 5.75
CA SER A 28 -6.45 -17.23 4.37
C SER A 28 -5.48 -16.28 3.66
N ALA A 29 -4.95 -15.28 4.37
CA ALA A 29 -3.78 -14.51 3.95
C ALA A 29 -3.95 -13.83 2.58
N GLY A 30 -5.15 -13.39 2.26
CA GLY A 30 -5.39 -12.76 0.97
C GLY A 30 -5.44 -13.69 -0.22
N GLN A 31 -5.48 -14.99 -0.01
CA GLN A 31 -5.65 -15.89 -1.13
C GLN A 31 -6.89 -15.56 -1.94
N GLY A 32 -6.75 -15.53 -3.26
CA GLY A 32 -7.84 -15.25 -4.14
C GLY A 32 -8.04 -13.78 -4.42
N SER A 33 -7.27 -12.91 -3.78
CA SER A 33 -7.23 -11.49 -4.08
C SER A 33 -6.06 -11.17 -4.98
N CYS A 34 -6.07 -9.93 -5.50
CA CYS A 34 -4.96 -9.47 -6.32
C CYS A 34 -4.64 -8.04 -5.93
N VAL A 35 -3.35 -7.70 -5.93
CA VAL A 35 -2.90 -6.34 -5.67
C VAL A 35 -1.99 -5.88 -6.78
N TYR A 36 -2.35 -4.78 -7.43
CA TYR A 36 -1.50 -4.14 -8.40
C TYR A 36 -0.59 -3.14 -7.69
N VAL A 37 0.69 -3.19 -8.01
CA VAL A 37 1.67 -2.26 -7.48
C VAL A 37 2.15 -1.40 -8.64
N ILE A 38 1.73 -0.15 -8.64
CA ILE A 38 1.95 0.78 -9.74
C ILE A 38 3.15 1.63 -9.33
N ASP A 39 4.33 1.34 -9.91
CA ASP A 39 5.59 1.83 -9.35
C ASP A 39 6.73 1.61 -10.35
N THR A 40 7.93 1.30 -9.84
CA THR A 40 9.10 1.12 -10.69
C THR A 40 9.23 -0.32 -11.20
N GLY A 41 8.24 -1.18 -10.93
CA GLY A 41 8.33 -2.59 -11.28
C GLY A 41 8.44 -3.45 -10.03
N ILE A 42 8.54 -4.76 -10.28
CA ILE A 42 8.73 -5.73 -9.21
C ILE A 42 9.71 -6.77 -9.70
N GLU A 43 10.71 -7.09 -8.87
CA GLU A 43 11.60 -8.22 -9.14
C GLU A 43 10.86 -9.49 -8.79
N ALA A 44 10.10 -10.01 -9.74
CA ALA A 44 9.24 -11.17 -9.50
C ALA A 44 10.02 -12.43 -9.17
N SER A 45 11.29 -12.51 -9.58
CA SER A 45 12.07 -13.70 -9.28
C SER A 45 12.54 -13.76 -7.83
N HIS A 46 12.32 -12.72 -7.03
CA HIS A 46 12.76 -12.75 -5.65
C HIS A 46 12.13 -13.95 -4.94
N PRO A 47 12.91 -14.78 -4.23
CA PRO A 47 12.31 -15.93 -3.57
C PRO A 47 11.18 -15.57 -2.61
N GLU A 48 11.20 -14.35 -2.09
CA GLU A 48 10.17 -13.92 -1.15
C GLU A 48 8.78 -13.85 -1.77
N PHE A 49 8.66 -13.77 -3.10
CA PHE A 49 7.36 -13.70 -3.75
C PHE A 49 6.80 -15.06 -4.11
N GLU A 50 7.62 -16.11 -4.08
CA GLU A 50 7.11 -17.48 -4.19
C GLU A 50 6.32 -17.72 -5.46
N GLY A 51 6.66 -17.02 -6.54
CA GLY A 51 5.96 -17.21 -7.80
C GLY A 51 4.64 -16.48 -7.90
N ARG A 52 4.25 -15.76 -6.87
CA ARG A 52 2.97 -15.05 -6.83
C ARG A 52 3.03 -13.64 -7.40
N ALA A 53 4.20 -13.18 -7.83
CA ALA A 53 4.37 -11.86 -8.44
C ALA A 53 4.67 -11.99 -9.92
N GLN A 54 4.17 -11.02 -10.69
CA GLN A 54 4.47 -10.97 -12.11
C GLN A 54 4.30 -9.54 -12.59
N MET A 55 5.11 -9.18 -13.58
CA MET A 55 4.95 -7.90 -14.27
C MET A 55 3.89 -8.05 -15.36
N VAL A 56 2.96 -7.11 -15.42
CA VAL A 56 1.91 -7.15 -16.43
C VAL A 56 1.99 -6.00 -17.44
N LYS A 57 2.72 -4.93 -17.14
CA LYS A 57 2.77 -3.78 -18.03
C LYS A 57 3.98 -2.93 -17.70
N THR A 58 4.62 -2.40 -18.75
CA THR A 58 5.62 -1.37 -18.58
C THR A 58 5.48 -0.37 -19.71
N TYR A 59 5.90 0.87 -19.44
CA TYR A 59 5.91 1.94 -20.43
C TYR A 59 7.34 2.26 -20.87
N TYR A 60 8.31 1.44 -20.48
CA TYR A 60 9.74 1.66 -20.68
C TYR A 60 10.37 0.43 -21.34
N TYR A 61 11.68 0.51 -21.58
CA TYR A 61 12.34 -0.51 -22.38
C TYR A 61 12.40 -1.86 -21.66
N SER A 62 12.18 -1.89 -20.35
CA SER A 62 12.17 -3.12 -19.59
C SER A 62 11.02 -3.05 -18.59
N SER A 63 10.54 -4.22 -18.20
CA SER A 63 9.61 -4.31 -17.08
C SER A 63 10.32 -4.60 -15.77
N ARG A 64 11.64 -4.76 -15.81
CA ARG A 64 12.40 -5.03 -14.60
C ARG A 64 12.45 -3.80 -13.70
N ASP A 65 12.47 -4.05 -12.40
CA ASP A 65 12.69 -2.99 -11.41
C ASP A 65 14.18 -2.74 -11.29
N GLY A 66 14.66 -1.67 -11.92
CA GLY A 66 16.05 -1.27 -11.78
C GLY A 66 16.31 -0.30 -10.66
N ASN A 67 15.30 -0.05 -9.83
CA ASN A 67 15.39 0.90 -8.74
C ASN A 67 15.36 0.23 -7.37
N GLY A 68 14.33 -0.58 -7.11
CA GLY A 68 14.11 -1.21 -5.82
C GLY A 68 12.82 -0.78 -5.16
N HIS A 69 12.40 0.46 -5.38
CA HIS A 69 11.24 0.99 -4.68
C HIS A 69 9.99 0.12 -4.89
N GLY A 70 9.69 -0.23 -6.14
CA GLY A 70 8.50 -1.04 -6.38
C GLY A 70 8.59 -2.42 -5.76
N THR A 71 9.78 -3.02 -5.79
CA THR A 71 9.98 -4.32 -5.18
C THR A 71 9.76 -4.23 -3.68
N HIS A 72 10.22 -3.15 -3.05
CA HIS A 72 10.05 -2.98 -1.61
C HIS A 72 8.56 -2.85 -1.26
N CYS A 73 7.84 -2.01 -2.01
CA CYS A 73 6.40 -1.86 -1.79
C CYS A 73 5.68 -3.19 -1.99
N ALA A 74 5.99 -3.90 -3.09
CA ALA A 74 5.35 -5.18 -3.33
C ALA A 74 5.61 -6.16 -2.21
N GLY A 75 6.83 -6.14 -1.67
CA GLY A 75 7.16 -7.01 -0.56
C GLY A 75 6.32 -6.74 0.67
N THR A 76 6.02 -5.47 0.95
CA THR A 76 5.18 -5.15 2.09
C THR A 76 3.73 -5.57 1.85
N VAL A 77 3.26 -5.52 0.60
CA VAL A 77 1.94 -6.04 0.31
C VAL A 77 1.86 -7.53 0.59
N GLY A 78 2.80 -8.30 0.01
CA GLY A 78 2.57 -9.72 -0.16
C GLY A 78 3.74 -10.67 -0.14
N SER A 79 4.93 -10.24 0.26
CA SER A 79 6.01 -11.21 0.40
C SER A 79 5.78 -12.14 1.61
N ARG A 80 6.42 -13.32 1.54
CA ARG A 80 6.22 -14.33 2.58
C ARG A 80 6.68 -13.83 3.96
N THR A 81 7.81 -13.13 4.04
CA THR A 81 8.32 -12.66 5.32
C THR A 81 7.89 -11.22 5.62
N TYR A 82 7.86 -10.36 4.62
CA TYR A 82 7.68 -8.94 4.87
C TYR A 82 6.29 -8.44 4.54
N GLY A 83 5.40 -9.31 4.10
CA GLY A 83 4.11 -8.88 3.59
C GLY A 83 2.93 -9.06 4.53
N VAL A 84 1.94 -8.21 4.33
CA VAL A 84 0.69 -8.27 5.08
C VAL A 84 -0.17 -9.44 4.60
N ALA A 85 -0.33 -9.60 3.28
CA ALA A 85 -1.23 -10.56 2.66
C ALA A 85 -0.35 -11.57 1.92
N LYS A 86 0.05 -12.60 2.65
CA LYS A 86 1.14 -13.48 2.20
C LYS A 86 0.74 -14.46 1.12
N LYS A 87 -0.53 -14.49 0.71
CA LYS A 87 -0.97 -15.38 -0.34
C LYS A 87 -1.67 -14.64 -1.48
N THR A 88 -1.63 -13.30 -1.50
CA THR A 88 -2.22 -12.54 -2.60
C THR A 88 -1.38 -12.71 -3.86
N GLN A 89 -2.01 -12.42 -4.99
CA GLN A 89 -1.31 -12.31 -6.25
C GLN A 89 -0.92 -10.87 -6.49
N LEU A 90 0.32 -10.67 -6.92
CA LEU A 90 0.90 -9.34 -7.10
C LEU A 90 1.13 -9.09 -8.58
N PHE A 91 0.64 -7.96 -9.08
CA PHE A 91 0.78 -7.58 -10.47
C PHE A 91 1.51 -6.24 -10.54
N GLY A 92 2.63 -6.22 -11.25
CA GLY A 92 3.42 -5.00 -11.38
C GLY A 92 3.10 -4.21 -12.64
N VAL A 93 2.98 -2.90 -12.47
CA VAL A 93 2.74 -1.96 -13.56
C VAL A 93 3.83 -0.91 -13.44
N LYS A 94 4.75 -0.89 -14.41
CA LYS A 94 5.92 -0.01 -14.28
C LYS A 94 5.63 1.32 -14.99
N VAL A 95 5.19 2.29 -14.19
CA VAL A 95 4.95 3.66 -14.65
C VAL A 95 6.10 4.58 -14.30
N LEU A 96 7.02 4.15 -13.45
CA LEU A 96 8.17 4.95 -13.07
C LEU A 96 9.43 4.33 -13.65
N ASP A 97 10.36 5.18 -14.11
CA ASP A 97 11.66 4.71 -14.62
C ASP A 97 12.55 4.26 -13.45
N ASP A 98 13.76 3.84 -13.78
CA ASP A 98 14.64 3.28 -12.76
C ASP A 98 15.26 4.33 -11.84
N ASN A 99 15.02 5.62 -12.11
CA ASN A 99 15.34 6.67 -11.16
C ASN A 99 14.16 7.04 -10.28
N GLY A 100 13.02 6.39 -10.47
CA GLY A 100 11.84 6.70 -9.68
C GLY A 100 10.98 7.82 -10.22
N SER A 101 11.22 8.26 -11.44
CA SER A 101 10.46 9.37 -12.02
C SER A 101 9.54 8.87 -13.12
N GLY A 102 8.48 9.64 -13.36
CA GLY A 102 7.54 9.30 -14.41
C GLY A 102 6.62 10.46 -14.73
N GLN A 103 6.21 10.55 -15.98
CA GLN A 103 5.32 11.62 -16.41
C GLN A 103 3.89 11.36 -15.95
N TYR A 104 3.17 12.43 -15.63
CA TYR A 104 1.79 12.26 -15.19
C TYR A 104 0.94 11.53 -16.24
N SER A 105 1.19 11.76 -17.53
CA SER A 105 0.41 11.08 -18.56
C SER A 105 0.60 9.57 -18.48
N THR A 106 1.82 9.12 -18.19
CA THR A 106 2.10 7.69 -18.06
C THR A 106 1.44 7.13 -16.81
N ILE A 107 1.47 7.87 -15.71
CA ILE A 107 0.82 7.41 -14.49
C ILE A 107 -0.68 7.26 -14.71
N ILE A 108 -1.30 8.23 -15.39
CA ILE A 108 -2.73 8.16 -15.68
C ILE A 108 -3.02 6.95 -16.57
N ALA A 109 -2.22 6.75 -17.62
CA ALA A 109 -2.40 5.57 -18.45
C ALA A 109 -2.29 4.29 -17.64
N GLY A 110 -1.35 4.24 -16.69
CA GLY A 110 -1.23 3.04 -15.86
C GLY A 110 -2.43 2.78 -14.99
N MET A 111 -3.04 3.83 -14.45
CA MET A 111 -4.24 3.63 -13.68
C MET A 111 -5.39 3.13 -14.53
N ASP A 112 -5.61 3.73 -15.70
CA ASP A 112 -6.66 3.23 -16.59
C ASP A 112 -6.35 1.81 -17.07
N PHE A 113 -5.06 1.49 -17.20
CA PHE A 113 -4.67 0.13 -17.56
C PHE A 113 -5.18 -0.86 -16.51
N VAL A 114 -4.98 -0.55 -15.23
CA VAL A 114 -5.41 -1.46 -14.18
C VAL A 114 -6.93 -1.62 -14.17
N ALA A 115 -7.65 -0.52 -14.39
CA ALA A 115 -9.11 -0.60 -14.35
C ALA A 115 -9.62 -1.57 -15.41
N SER A 116 -8.94 -1.68 -16.54
CA SER A 116 -9.32 -2.66 -17.55
C SER A 116 -8.67 -4.03 -17.33
N ASP A 117 -7.38 -4.03 -17.01
CA ASP A 117 -6.63 -5.27 -16.91
C ASP A 117 -7.18 -6.22 -15.84
N LYS A 118 -7.80 -5.71 -14.78
CA LYS A 118 -8.36 -6.62 -13.78
C LYS A 118 -9.33 -7.60 -14.43
N ASN A 119 -9.96 -7.23 -15.53
CA ASN A 119 -10.87 -8.15 -16.22
C ASN A 119 -10.15 -9.25 -16.96
N ASN A 120 -8.82 -9.22 -17.00
CA ASN A 120 -8.00 -10.28 -17.57
C ASN A 120 -7.36 -11.15 -16.49
N ARG A 121 -7.69 -10.93 -15.23
CA ARG A 121 -7.08 -11.63 -14.12
C ARG A 121 -8.13 -12.32 -13.27
N ASN A 122 -7.72 -13.36 -12.56
CA ASN A 122 -8.58 -14.10 -11.65
C ASN A 122 -8.37 -13.63 -10.22
N CYS A 123 -9.35 -12.89 -9.71
CA CYS A 123 -9.27 -12.23 -8.41
C CYS A 123 -10.64 -12.33 -7.76
N PRO A 124 -11.11 -13.55 -7.51
CA PRO A 124 -12.48 -13.71 -7.03
C PRO A 124 -12.75 -13.02 -5.72
N LYS A 125 -11.74 -12.79 -4.88
CA LYS A 125 -11.95 -12.10 -3.62
C LYS A 125 -11.74 -10.59 -3.70
N GLY A 126 -11.33 -10.06 -4.84
CA GLY A 126 -11.28 -8.63 -5.05
C GLY A 126 -9.90 -8.14 -5.46
N VAL A 127 -9.88 -6.87 -5.84
CA VAL A 127 -8.75 -6.22 -6.48
C VAL A 127 -8.39 -4.94 -5.73
N VAL A 128 -7.09 -4.76 -5.49
CA VAL A 128 -6.54 -3.59 -4.82
C VAL A 128 -5.44 -3.01 -5.71
N ALA A 129 -5.24 -1.69 -5.60
CA ALA A 129 -4.09 -1.06 -6.23
C ALA A 129 -3.37 -0.20 -5.20
N SER A 130 -2.05 -0.34 -5.17
CA SER A 130 -1.17 0.40 -4.28
C SER A 130 -0.36 1.39 -5.10
N LEU A 131 -0.49 2.68 -4.78
CA LEU A 131 0.12 3.77 -5.51
C LEU A 131 1.02 4.55 -4.56
N SER A 132 2.28 4.13 -4.46
CA SER A 132 3.28 4.81 -3.64
C SER A 132 4.00 5.85 -4.51
N LEU A 133 3.22 6.85 -4.91
CA LEU A 133 3.77 7.89 -5.77
C LEU A 133 2.89 9.12 -5.63
N GLY A 134 3.38 10.23 -6.16
CA GLY A 134 2.59 11.45 -6.10
C GLY A 134 3.42 12.65 -6.50
N GLY A 135 2.70 13.73 -6.73
CA GLY A 135 3.30 15.01 -7.03
C GLY A 135 2.31 16.11 -6.69
N GLY A 136 2.51 17.27 -7.30
CA GLY A 136 1.66 18.40 -7.01
C GLY A 136 0.25 18.18 -7.52
N TYR A 137 -0.65 19.04 -7.05
CA TYR A 137 -2.07 18.86 -7.36
C TYR A 137 -2.31 18.82 -8.86
N SER A 138 -3.09 17.82 -9.28
CA SER A 138 -3.56 17.69 -10.65
C SER A 138 -4.97 17.11 -10.65
N SER A 139 -5.93 17.86 -11.18
CA SER A 139 -7.27 17.33 -11.28
C SER A 139 -7.31 16.08 -12.14
N SER A 140 -6.49 16.04 -13.19
CA SER A 140 -6.50 14.88 -14.09
C SER A 140 -5.98 13.62 -13.40
N VAL A 141 -4.93 13.75 -12.59
CA VAL A 141 -4.41 12.62 -11.83
C VAL A 141 -5.44 12.15 -10.82
N ASN A 142 -6.09 13.08 -10.12
CA ASN A 142 -7.12 12.71 -9.16
C ASN A 142 -8.26 11.98 -9.86
N SER A 143 -8.68 12.47 -11.03
CA SER A 143 -9.78 11.84 -11.75
C SER A 143 -9.41 10.41 -12.17
N ALA A 144 -8.16 10.19 -12.56
CA ALA A 144 -7.73 8.84 -12.91
C ALA A 144 -7.81 7.92 -11.71
N ALA A 145 -7.37 8.38 -10.55
CA ALA A 145 -7.49 7.58 -9.34
C ALA A 145 -8.96 7.32 -9.00
N ALA A 146 -9.81 8.33 -9.17
CA ALA A 146 -11.23 8.14 -8.90
C ALA A 146 -11.86 7.14 -9.87
N ARG A 147 -11.45 7.17 -11.14
CA ARG A 147 -11.95 6.18 -12.09
C ARG A 147 -11.53 4.77 -11.68
N LEU A 148 -10.27 4.60 -11.29
CA LEU A 148 -9.80 3.28 -10.90
C LEU A 148 -10.61 2.76 -9.73
N GLN A 149 -10.85 3.60 -8.74
CA GLN A 149 -11.66 3.20 -7.60
C GLN A 149 -13.09 2.87 -8.03
N SER A 150 -13.70 3.73 -8.85
CA SER A 150 -15.05 3.51 -9.34
C SER A 150 -15.18 2.18 -10.07
N SER A 151 -14.13 1.76 -10.77
CA SER A 151 -14.17 0.53 -11.55
C SER A 151 -14.20 -0.73 -10.69
N GLY A 152 -14.02 -0.60 -9.38
CA GLY A 152 -14.10 -1.76 -8.50
C GLY A 152 -12.78 -2.18 -7.92
N VAL A 153 -11.84 -1.26 -7.83
CA VAL A 153 -10.51 -1.51 -7.29
C VAL A 153 -10.35 -0.68 -6.02
N MET A 154 -9.90 -1.29 -4.93
CA MET A 154 -9.57 -0.55 -3.71
C MET A 154 -8.27 0.17 -3.95
N VAL A 155 -8.32 1.50 -4.06
CA VAL A 155 -7.13 2.29 -4.35
C VAL A 155 -6.59 2.88 -3.06
N ALA A 156 -5.33 2.56 -2.76
CA ALA A 156 -4.59 3.14 -1.64
C ALA A 156 -3.45 3.98 -2.22
N VAL A 157 -3.29 5.21 -1.74
CA VAL A 157 -2.28 6.13 -2.24
C VAL A 157 -1.51 6.76 -1.10
N ALA A 158 -0.24 7.04 -1.38
CA ALA A 158 0.62 7.69 -0.40
C ALA A 158 0.21 9.14 -0.15
N ALA A 159 0.25 9.56 1.11
CA ALA A 159 -0.08 10.95 1.39
C ALA A 159 0.99 11.91 0.94
N GLY A 160 2.25 11.48 0.90
CA GLY A 160 3.39 12.27 0.53
C GLY A 160 4.28 12.55 1.73
N ASN A 161 5.52 12.97 1.44
CA ASN A 161 6.60 13.07 2.41
C ASN A 161 7.07 14.48 2.60
N ASN A 162 6.15 15.45 2.50
CA ASN A 162 6.49 16.85 2.56
C ASN A 162 6.24 17.50 3.91
N ASN A 163 5.81 16.74 4.92
CA ASN A 163 5.40 17.32 6.21
C ASN A 163 4.49 18.52 5.99
N ALA A 164 3.49 18.32 5.15
CA ALA A 164 2.59 19.40 4.73
C ALA A 164 1.19 18.85 4.54
N ASP A 165 0.24 19.74 4.29
CA ASP A 165 -1.13 19.32 4.06
C ASP A 165 -1.26 18.66 2.68
N ALA A 166 -1.75 17.43 2.68
CA ALA A 166 -1.83 16.63 1.47
C ALA A 166 -2.86 17.14 0.47
N ARG A 167 -3.64 18.15 0.83
CA ARG A 167 -4.58 18.72 -0.12
C ARG A 167 -3.90 19.28 -1.36
N ASN A 168 -2.60 19.59 -1.30
CA ASN A 168 -1.88 20.16 -2.44
C ASN A 168 -1.11 19.14 -3.24
N TYR A 169 -1.41 17.86 -3.06
CA TYR A 169 -0.71 16.78 -3.75
C TYR A 169 -1.71 15.80 -4.37
N SER A 170 -1.28 15.14 -5.45
CA SER A 170 -2.13 14.21 -6.16
C SER A 170 -1.36 12.92 -6.41
N PRO A 171 -2.01 11.75 -6.34
CA PRO A 171 -3.44 11.57 -6.08
C PRO A 171 -3.89 11.62 -4.61
N ALA A 172 -3.00 12.06 -3.71
CA ALA A 172 -3.33 12.08 -2.29
C ALA A 172 -4.60 12.86 -1.99
N SER A 173 -4.84 13.93 -2.72
CA SER A 173 -5.97 14.79 -2.42
C SER A 173 -7.28 14.33 -3.02
N GLU A 174 -7.31 13.22 -3.75
CA GLU A 174 -8.57 12.72 -4.31
C GLU A 174 -9.45 12.13 -3.20
N PRO A 175 -10.66 12.65 -2.98
CA PRO A 175 -11.45 12.19 -1.83
C PRO A 175 -11.84 10.72 -1.89
N SER A 176 -12.05 10.14 -3.06
CA SER A 176 -12.67 8.84 -3.13
C SER A 176 -11.70 7.67 -2.99
N VAL A 177 -10.41 7.93 -2.92
CA VAL A 177 -9.42 6.91 -2.69
C VAL A 177 -8.94 6.96 -1.25
N CYS A 178 -8.11 6.00 -0.87
CA CYS A 178 -7.64 5.84 0.51
C CYS A 178 -6.25 6.44 0.65
N THR A 179 -6.17 7.60 1.30
CA THR A 179 -4.92 8.32 1.41
C THR A 179 -4.24 7.98 2.73
N VAL A 180 -3.00 7.54 2.66
CA VAL A 180 -2.32 6.87 3.76
C VAL A 180 -1.13 7.70 4.23
N GLY A 181 -1.14 8.07 5.52
CA GLY A 181 0.00 8.68 6.16
C GLY A 181 0.87 7.65 6.85
N ALA A 182 2.01 8.11 7.35
CA ALA A 182 3.00 7.22 7.94
C ALA A 182 3.23 7.47 9.42
N SER A 183 3.43 6.37 10.14
CA SER A 183 3.79 6.39 11.56
C SER A 183 5.05 5.57 11.81
N ASP A 184 5.60 5.74 13.00
CA ASP A 184 6.82 5.04 13.41
C ASP A 184 6.53 4.02 14.53
N ARG A 185 7.57 3.29 14.92
CA ARG A 185 7.38 2.16 15.81
C ARG A 185 6.98 2.57 17.22
N TYR A 186 7.09 3.87 17.56
CA TYR A 186 6.66 4.40 18.84
C TYR A 186 5.32 5.11 18.74
N ASP A 187 4.59 4.85 17.66
CA ASP A 187 3.26 5.43 17.45
C ASP A 187 3.33 6.95 17.36
N ARG A 188 4.40 7.48 16.81
CA ARG A 188 4.49 8.90 16.45
C ARG A 188 4.23 9.06 14.96
N ARG A 189 3.56 10.14 14.58
CA ARG A 189 3.54 10.49 13.17
C ARG A 189 4.96 10.56 12.65
N SER A 190 5.22 9.92 11.51
CA SER A 190 6.53 9.99 10.91
C SER A 190 6.86 11.46 10.62
N SER A 191 8.15 11.80 10.79
CA SER A 191 8.53 13.21 10.72
C SER A 191 8.23 13.84 9.37
N PHE A 192 8.27 13.05 8.29
CA PHE A 192 8.06 13.53 6.93
C PHE A 192 6.61 13.39 6.48
N SER A 193 5.73 12.77 7.28
CA SER A 193 4.42 12.40 6.73
C SER A 193 3.58 13.64 6.49
N ASN A 194 2.96 13.73 5.32
CA ASN A 194 1.91 14.71 5.15
C ASN A 194 0.71 14.38 6.06
N TYR A 195 -0.17 15.35 6.15
CA TYR A 195 -1.31 15.31 7.06
C TYR A 195 -2.44 16.07 6.39
N GLY A 196 -3.53 16.28 7.13
CA GLY A 196 -4.64 17.06 6.65
C GLY A 196 -5.93 16.26 6.61
N SER A 197 -7.03 16.98 6.34
CA SER A 197 -8.35 16.34 6.30
C SER A 197 -8.48 15.26 5.22
N VAL A 198 -7.68 15.29 4.17
CA VAL A 198 -7.82 14.29 3.11
C VAL A 198 -7.23 12.95 3.51
N LEU A 199 -6.42 12.87 4.56
CA LEU A 199 -5.94 11.58 5.01
C LEU A 199 -7.09 10.74 5.53
N ASP A 200 -7.04 9.44 5.26
CA ASP A 200 -8.01 8.49 5.76
C ASP A 200 -7.49 7.60 6.87
N ILE A 201 -6.19 7.36 6.91
CA ILE A 201 -5.61 6.31 7.74
C ILE A 201 -4.11 6.51 7.79
N PHE A 202 -3.48 6.01 8.85
CA PHE A 202 -2.03 5.91 8.97
C PHE A 202 -1.64 4.44 8.97
N GLY A 203 -0.46 4.16 8.45
CA GLY A 203 0.17 2.87 8.52
C GLY A 203 1.65 2.99 8.83
N PRO A 204 2.29 1.88 9.16
CA PRO A 204 3.73 1.92 9.46
C PRO A 204 4.55 2.42 8.27
N GLY A 205 5.36 3.45 8.50
CA GLY A 205 6.14 4.02 7.42
C GLY A 205 7.58 4.37 7.72
N THR A 206 8.03 4.30 8.96
CA THR A 206 9.42 4.61 9.28
C THR A 206 10.16 3.32 9.57
N ASP A 207 11.28 3.13 8.88
CA ASP A 207 12.17 1.99 9.08
C ASP A 207 11.47 0.66 8.81
N ILE A 208 11.01 0.49 7.58
CA ILE A 208 10.25 -0.67 7.15
C ILE A 208 11.13 -1.61 6.35
N LEU A 209 11.34 -2.81 6.88
CA LEU A 209 12.12 -3.84 6.20
C LEU A 209 11.26 -4.54 5.16
N SER A 210 11.80 -4.71 3.95
CA SER A 210 11.10 -5.44 2.91
C SER A 210 12.12 -5.90 1.87
N THR A 211 11.60 -6.50 0.82
CA THR A 211 12.40 -6.98 -0.28
C THR A 211 13.06 -5.85 -1.06
N TRP A 212 14.19 -6.16 -1.69
CA TRP A 212 14.86 -5.22 -2.57
C TRP A 212 15.38 -6.00 -3.77
N ILE A 213 15.84 -5.26 -4.78
CA ILE A 213 16.34 -5.91 -5.98
C ILE A 213 17.67 -6.60 -5.72
N GLY A 214 18.05 -7.46 -6.65
CA GLY A 214 19.15 -8.37 -6.44
C GLY A 214 18.89 -9.43 -5.39
N GLY A 215 17.63 -9.78 -5.15
CA GLY A 215 17.30 -10.80 -4.17
C GLY A 215 17.66 -10.43 -2.76
N SER A 216 17.64 -9.14 -2.44
CA SER A 216 18.12 -8.66 -1.16
C SER A 216 16.95 -8.15 -0.30
N THR A 217 17.29 -7.50 0.80
CA THR A 217 16.31 -6.83 1.66
C THR A 217 16.93 -5.53 2.14
N ARG A 218 16.09 -4.57 2.50
CA ARG A 218 16.55 -3.38 3.18
C ARG A 218 15.39 -2.66 3.84
N SER A 219 15.74 -1.76 4.74
CA SER A 219 14.77 -0.98 5.50
C SER A 219 14.84 0.46 4.98
N ILE A 220 13.68 1.00 4.56
CA ILE A 220 13.55 2.38 4.12
C ILE A 220 12.27 2.97 4.70
N SER A 221 12.12 4.29 4.54
CA SER A 221 11.05 5.02 5.20
C SER A 221 10.30 5.88 4.18
N GLY A 222 9.01 6.03 4.40
CA GLY A 222 8.21 6.91 3.57
C GLY A 222 6.73 6.60 3.68
N THR A 223 5.90 7.54 3.24
CA THR A 223 4.49 7.20 3.07
C THR A 223 4.33 6.14 1.99
N SER A 224 5.33 6.00 1.12
CA SER A 224 5.35 4.90 0.16
C SER A 224 5.37 3.53 0.83
N MET A 225 5.91 3.44 2.05
CA MET A 225 5.98 2.18 2.79
C MET A 225 4.70 1.94 3.59
N ALA A 226 4.02 3.00 4.02
CA ALA A 226 2.76 2.86 4.73
C ALA A 226 1.64 2.39 3.80
N THR A 227 1.62 2.93 2.59
CA THR A 227 0.58 2.63 1.61
C THR A 227 0.41 1.14 1.36
N PRO A 228 1.47 0.38 1.09
CA PRO A 228 1.28 -1.06 0.86
C PRO A 228 0.86 -1.84 2.10
N HIS A 229 1.11 -1.34 3.30
CA HIS A 229 0.54 -1.99 4.48
C HIS A 229 -1.00 -1.95 4.40
N VAL A 230 -1.54 -0.78 4.04
CA VAL A 230 -2.99 -0.61 3.90
C VAL A 230 -3.53 -1.39 2.70
N ALA A 231 -2.82 -1.35 1.57
CA ALA A 231 -3.23 -2.15 0.41
C ALA A 231 -3.30 -3.63 0.76
N GLY A 232 -2.24 -4.17 1.38
CA GLY A 232 -2.24 -5.56 1.78
C GLY A 232 -3.33 -5.86 2.80
N LEU A 233 -3.54 -4.95 3.74
CA LEU A 233 -4.64 -5.14 4.70
C LEU A 233 -5.99 -5.22 4.00
N ALA A 234 -6.23 -4.33 3.04
CA ALA A 234 -7.48 -4.38 2.29
C ALA A 234 -7.65 -5.74 1.59
N ALA A 235 -6.61 -6.22 0.90
CA ALA A 235 -6.68 -7.52 0.25
C ALA A 235 -7.02 -8.61 1.25
N TYR A 236 -6.37 -8.60 2.41
CA TYR A 236 -6.60 -9.56 3.48
C TYR A 236 -8.04 -9.51 3.96
N LEU A 237 -8.59 -8.31 4.17
CA LEU A 237 -9.95 -8.19 4.68
C LEU A 237 -10.99 -8.55 3.61
N MET A 238 -10.73 -8.21 2.35
CA MET A 238 -11.62 -8.62 1.27
C MET A 238 -11.64 -10.13 1.12
N THR A 239 -10.49 -10.81 1.20
CA THR A 239 -10.49 -12.27 1.17
C THR A 239 -11.34 -12.84 2.31
N LEU A 240 -11.29 -12.23 3.50
CA LEU A 240 -12.10 -12.71 4.60
C LEU A 240 -13.59 -12.40 4.44
N GLY A 241 -13.95 -11.64 3.42
CA GLY A 241 -15.33 -11.23 3.22
C GLY A 241 -15.81 -10.18 4.18
N LYS A 242 -14.92 -9.48 4.85
CA LYS A 242 -15.33 -8.47 5.81
C LYS A 242 -15.70 -7.14 5.17
N THR A 243 -15.22 -6.88 3.95
CA THR A 243 -15.46 -5.62 3.27
C THR A 243 -15.27 -5.85 1.78
N THR A 244 -15.50 -4.78 1.02
CA THR A 244 -15.45 -4.79 -0.43
C THR A 244 -14.49 -3.70 -0.88
N ALA A 245 -14.17 -3.69 -2.18
CA ALA A 245 -13.27 -2.65 -2.69
C ALA A 245 -13.86 -1.27 -2.48
N ALA A 246 -15.18 -1.12 -2.62
CA ALA A 246 -15.77 0.20 -2.52
C ALA A 246 -15.77 0.70 -1.09
N SER A 247 -15.83 -0.20 -0.12
CA SER A 247 -15.99 0.20 1.27
C SER A 247 -14.77 -0.06 2.14
N ALA A 248 -13.71 -0.61 1.57
CA ALA A 248 -12.60 -1.09 2.41
C ALA A 248 -11.90 0.04 3.14
N CYS A 249 -11.73 1.20 2.50
CA CYS A 249 -11.07 2.31 3.19
C CYS A 249 -11.87 2.74 4.41
N ARG A 250 -13.18 2.89 4.24
CA ARG A 250 -14.05 3.25 5.35
C ARG A 250 -14.03 2.17 6.43
N TYR A 251 -14.03 0.91 6.03
CA TYR A 251 -13.99 -0.19 6.99
C TYR A 251 -12.69 -0.18 7.78
N ILE A 252 -11.57 0.05 7.10
CA ILE A 252 -10.28 0.13 7.78
C ILE A 252 -10.28 1.29 8.78
N ALA A 253 -10.80 2.45 8.38
CA ALA A 253 -10.89 3.55 9.33
C ALA A 253 -11.80 3.21 10.51
N ASP A 254 -12.94 2.57 10.23
CA ASP A 254 -13.89 2.26 11.30
C ASP A 254 -13.30 1.30 12.33
N THR A 255 -12.43 0.38 11.88
CA THR A 255 -11.89 -0.67 12.74
C THR A 255 -10.47 -0.37 13.18
N ALA A 256 -9.96 0.84 12.91
CA ALA A 256 -8.59 1.20 13.22
C ALA A 256 -8.40 1.35 14.74
N ASN A 257 -7.13 1.30 15.15
CA ASN A 257 -6.76 1.77 16.48
C ASN A 257 -6.88 3.28 16.48
N LYS A 258 -7.63 3.82 17.45
CA LYS A 258 -8.04 5.22 17.43
C LYS A 258 -7.38 5.98 18.57
N GLY A 259 -6.84 7.16 18.25
CA GLY A 259 -6.31 8.06 19.24
C GLY A 259 -4.97 7.66 19.81
N ASP A 260 -4.26 6.73 19.18
CA ASP A 260 -3.03 6.18 19.74
C ASP A 260 -1.76 6.82 19.18
N LEU A 261 -1.87 7.65 18.14
CA LEU A 261 -0.71 8.28 17.54
C LEU A 261 -0.44 9.66 18.13
N SER A 262 0.82 9.99 18.27
CA SER A 262 1.23 11.31 18.72
C SER A 262 1.65 12.20 17.55
N ASN A 263 1.63 13.50 17.81
CA ASN A 263 1.97 14.52 16.83
C ASN A 263 1.06 14.50 15.60
N ILE A 264 -0.21 14.19 15.80
CA ILE A 264 -1.22 14.29 14.76
C ILE A 264 -1.82 15.69 14.83
N PRO A 265 -1.72 16.51 13.78
CA PRO A 265 -2.29 17.86 13.81
C PRO A 265 -3.79 17.84 13.99
N PHE A 266 -4.29 18.84 14.71
CA PHE A 266 -5.73 19.05 14.81
C PHE A 266 -6.34 19.03 13.43
N GLY A 267 -7.40 18.24 13.26
CA GLY A 267 -8.10 18.12 11.98
C GLY A 267 -7.66 16.97 11.11
N THR A 268 -6.61 16.27 11.49
CA THR A 268 -6.18 15.06 10.81
C THR A 268 -6.63 13.85 11.63
N VAL A 269 -7.06 12.80 10.93
CA VAL A 269 -7.55 11.62 11.66
C VAL A 269 -6.42 10.99 12.47
N ASN A 270 -6.76 10.47 13.65
CA ASN A 270 -5.83 9.75 14.50
C ASN A 270 -6.27 8.29 14.46
N LEU A 271 -5.90 7.61 13.38
CA LEU A 271 -6.37 6.27 13.07
C LEU A 271 -5.21 5.48 12.49
N LEU A 272 -4.94 4.32 13.09
CA LEU A 272 -3.82 3.46 12.71
C LEU A 272 -4.37 2.11 12.24
N ALA A 273 -4.01 1.71 11.03
CA ALA A 273 -4.53 0.48 10.43
C ALA A 273 -4.34 -0.71 11.36
N TYR A 274 -5.37 -1.57 11.45
CA TYR A 274 -5.43 -2.67 12.40
C TYR A 274 -6.30 -3.78 11.84
N ASN A 275 -5.82 -5.01 11.86
CA ASN A 275 -6.56 -6.13 11.26
C ASN A 275 -7.61 -6.74 12.19
N ASN A 276 -7.65 -6.35 13.46
CA ASN A 276 -8.63 -6.88 14.42
C ASN A 276 -8.67 -8.40 14.42
N TYR A 277 -7.53 -9.05 14.19
CA TYR A 277 -7.49 -10.50 14.20
C TYR A 277 -7.38 -10.99 15.63
N GLN A 278 -8.26 -11.93 15.99
CA GLN A 278 -8.22 -12.59 17.29
C GLN A 278 -7.73 -14.02 17.08
N ALA A 279 -6.50 -14.28 17.51
CA ALA A 279 -5.89 -15.60 17.36
C ALA A 279 -6.61 -16.64 18.21
S SO4 B . 12.36 -4.07 12.82
O1 SO4 B . 12.84 -2.78 12.37
O2 SO4 B . 11.78 -3.98 14.14
O3 SO4 B . 11.34 -4.51 11.88
O4 SO4 B . 13.44 -5.06 12.87
C4 L2K C . 11.34 5.45 23.33
C5 L2K C . 13.54 3.74 22.83
C6 L2K C . 14.29 1.58 23.29
N1 L2K C . 13.53 5.10 22.27
C7 L2K C . 12.93 1.79 23.96
C8 L2K C . 11.35 4.07 23.92
N2 L2K C . 14.60 2.79 22.62
C9 L2K C . 9.56 6.83 22.23
C10 L2K C . 8.28 7.36 22.21
N3 L2K C . 12.49 3.17 23.66
N L2K C . 12.43 5.96 22.54
C L2K C . 7.40 7.11 23.25
C1 L2K C . 7.79 6.32 24.31
C2 L2K C . 9.07 5.79 24.33
C3 L2K C . 9.95 6.06 23.29
F L2K C . 6.14 7.63 23.22
F1 L2K C . 7.80 8.15 21.21
H1 L2K C . 15.05 1.38 24.05
H2 L2K C . 14.22 0.77 22.57
H3 L2K C . 13.05 1.69 25.03
H4 L2K C . 12.22 1.08 23.55
H5 L2K C . 11.31 4.20 25.00
H7 L2K C . 10.24 7.03 21.41
H8 L2K C . 7.10 6.11 25.13
H9 L2K C . 9.39 5.17 25.16
H10 L2K C . 14.30 5.41 21.71
H11 L2K C . 10.47 3.57 23.54
#